data_8Y66
#
_entry.id   8Y66
#
_cell.length_a   1.00
_cell.length_b   1.00
_cell.length_c   1.00
_cell.angle_alpha   90.00
_cell.angle_beta   90.00
_cell.angle_gamma   90.00
#
_symmetry.space_group_name_H-M   'P 1'
#
loop_
_entity.id
_entity.type
_entity.pdbx_description
1 polymer 'Solute carrier family 2, facilitated glucose transporter member 9'
2 non-polymer 5,7-dihydroxy-2-(4-hydroxyphenyl)-4H-chromen-4-one
#
_entity_poly.entity_id   1
_entity_poly.type   'polypeptide(L)'
_entity_poly.pdbx_seq_one_letter_code
;MASWSHPQFEKGGGARGGSGGGSWSHPQFEKGFDYKDDDDKGTARKQNRNSKELGLVPLTDDTSHAGPPGPGRALLECDH
LRSGVPGGRRRKDWSCSLLVASLAGAFGSSFLYGYNLSVVNAPTPYIKAFYNESWERRHGRPIDPDTLTLLWSVTVSIFA
IGGLVGTLIVKMIGKVLGRKHTLLANNGFAISAALLMACSLQAGAFEMLIVGRFIMGIDGGVALSVLPMYLSEISPKEIR
GSLGQVTAIFICIGVFTGQLLGLPELLGKESTWPYLFGVIVVPAVVQLLSLPFLPDSPRYLLLEKHNEARAVKAFQTFLG
KADVSQEVEEVLAESRVQRSIRLVSVLELLRAPYVRWQVVTVIVTMACYQLCGLNAIWFYTNSIFGKAGIPPAKIPYVTL
STGGIETLAAVFSGLVIEHLGRRPLLIGGFGLMGLFFGTLTITLTLQDHAPWVPYLSIVGILAIIASFCSGPGGIPFILT
GEFFQQSQRPAAFIIAGTVNWLSNFAVGLLFPFIQKSLDTYCFLVFATICITGAIYLYFVLPETKNRTYAEISQAFSKRN
KAYPPEEKIDSAVTDGKINGRP
;
_entity_poly.pdbx_strand_id   A
#
# COMPACT_ATOMS: atom_id res chain seq x y z
N CYS A 96 16.94 -18.39 11.06
CA CYS A 96 16.43 -18.33 12.43
C CYS A 96 16.11 -16.90 12.83
N SER A 97 17.14 -16.16 13.22
CA SER A 97 16.95 -14.77 13.62
C SER A 97 16.46 -13.92 12.46
N LEU A 98 16.98 -14.18 11.25
CA LEU A 98 16.53 -13.45 10.06
C LEU A 98 15.04 -13.63 9.85
N LEU A 99 14.57 -14.88 9.80
CA LEU A 99 13.17 -15.15 9.57
C LEU A 99 12.30 -14.59 10.69
N VAL A 100 12.76 -14.74 11.94
CA VAL A 100 11.99 -14.24 13.08
C VAL A 100 11.82 -12.73 12.98
N ALA A 101 12.90 -12.01 12.71
CA ALA A 101 12.82 -10.56 12.60
C ALA A 101 11.95 -10.15 11.43
N SER A 102 12.07 -10.85 10.29
CA SER A 102 11.25 -10.51 9.13
C SER A 102 9.77 -10.67 9.44
N LEU A 103 9.39 -11.83 9.99
CA LEU A 103 7.99 -12.06 10.33
C LEU A 103 7.49 -11.04 11.34
N ALA A 104 8.30 -10.74 12.36
CA ALA A 104 7.87 -9.81 13.39
C ALA A 104 7.62 -8.43 12.80
N GLY A 105 8.58 -7.89 12.05
CA GLY A 105 8.39 -6.56 11.49
C GLY A 105 7.23 -6.50 10.52
N ALA A 106 7.12 -7.49 9.63
CA ALA A 106 6.04 -7.50 8.66
C ALA A 106 4.69 -7.56 9.36
N PHE A 107 4.55 -8.46 10.33
CA PHE A 107 3.30 -8.58 11.08
C PHE A 107 2.99 -7.30 11.83
N GLY A 108 4.03 -6.60 12.31
CA GLY A 108 3.79 -5.37 13.03
C GLY A 108 3.27 -4.24 12.16
N SER A 109 3.80 -4.11 10.94
CA SER A 109 3.47 -2.94 10.13
C SER A 109 2.63 -3.27 8.89
N SER A 110 3.13 -4.15 8.02
CA SER A 110 2.45 -4.38 6.75
C SER A 110 1.16 -5.15 6.95
N PHE A 111 1.13 -6.06 7.93
CA PHE A 111 -0.09 -6.80 8.22
C PHE A 111 -1.20 -5.85 8.65
N LEU A 112 -0.90 -4.90 9.53
CA LEU A 112 -1.90 -3.92 9.95
C LEU A 112 -2.33 -3.04 8.79
N TYR A 113 -1.37 -2.62 7.95
CA TYR A 113 -1.75 -1.80 6.81
C TYR A 113 -2.71 -2.55 5.89
N GLY A 114 -2.41 -3.81 5.60
CA GLY A 114 -3.30 -4.60 4.76
C GLY A 114 -4.65 -4.82 5.41
N TYR A 115 -4.66 -5.08 6.71
CA TYR A 115 -5.92 -5.29 7.42
C TYR A 115 -6.80 -4.05 7.32
N ASN A 116 -6.25 -2.89 7.60
CA ASN A 116 -7.03 -1.66 7.56
C ASN A 116 -7.29 -1.17 6.15
N LEU A 117 -6.63 -1.74 5.14
CA LEU A 117 -6.98 -1.40 3.77
C LEU A 117 -8.38 -1.90 3.42
N SER A 118 -8.75 -3.10 3.85
CA SER A 118 -10.01 -3.72 3.47
C SER A 118 -10.73 -4.29 4.68
N VAL A 119 -10.82 -3.50 5.75
CA VAL A 119 -11.69 -3.80 6.89
C VAL A 119 -12.89 -2.88 6.93
N VAL A 120 -12.97 -1.91 6.02
CA VAL A 120 -14.01 -0.90 6.05
C VAL A 120 -15.21 -1.29 5.19
N ASN A 121 -15.12 -2.36 4.41
CA ASN A 121 -16.21 -2.74 3.51
C ASN A 121 -17.27 -3.56 4.21
N ALA A 122 -16.86 -4.55 5.00
CA ALA A 122 -17.82 -5.48 5.61
C ALA A 122 -18.79 -4.81 6.56
N PRO A 123 -18.37 -3.97 7.52
CA PRO A 123 -19.34 -3.32 8.40
C PRO A 123 -19.95 -2.03 7.85
N THR A 124 -19.80 -1.75 6.55
CA THR A 124 -20.25 -0.48 6.00
C THR A 124 -21.72 -0.19 6.27
N PRO A 125 -22.68 -1.09 6.02
CA PRO A 125 -24.06 -0.74 6.34
C PRO A 125 -24.28 -0.42 7.80
N TYR A 126 -23.63 -1.16 8.70
CA TYR A 126 -23.82 -0.91 10.12
C TYR A 126 -23.25 0.45 10.51
N ILE A 127 -22.08 0.81 9.98
CA ILE A 127 -21.50 2.11 10.31
C ILE A 127 -22.35 3.22 9.73
N LYS A 128 -22.94 3.02 8.55
CA LYS A 128 -23.84 4.04 8.01
C LYS A 128 -25.07 4.19 8.89
N ALA A 129 -25.61 3.08 9.39
CA ALA A 129 -26.74 3.16 10.31
C ALA A 129 -26.34 3.92 11.57
N PHE A 130 -25.13 3.67 12.06
CA PHE A 130 -24.62 4.40 13.22
C PHE A 130 -24.52 5.89 12.94
N TYR A 131 -24.04 6.26 11.76
CA TYR A 131 -23.96 7.67 11.39
C TYR A 131 -25.36 8.29 11.39
N ASN A 132 -26.33 7.61 10.79
CA ASN A 132 -27.68 8.12 10.75
C ASN A 132 -28.23 8.32 12.17
N GLU A 133 -28.04 7.32 13.03
CA GLU A 133 -28.55 7.42 14.40
C GLU A 133 -27.88 8.55 15.16
N SER A 134 -26.56 8.67 15.03
CA SER A 134 -25.84 9.71 15.76
C SER A 134 -26.26 11.10 15.29
N TRP A 135 -26.40 11.29 13.98
CA TRP A 135 -26.82 12.60 13.48
C TRP A 135 -28.24 12.91 13.92
N GLU A 136 -29.13 11.91 13.92
CA GLU A 136 -30.48 12.15 14.42
C GLU A 136 -30.46 12.54 15.88
N ARG A 137 -29.61 11.90 16.69
CA ARG A 137 -29.51 12.25 18.10
C ARG A 137 -28.98 13.66 18.28
N ARG A 138 -27.94 14.03 17.53
CA ARG A 138 -27.25 15.29 17.77
C ARG A 138 -28.06 16.48 17.25
N HIS A 139 -28.66 16.35 16.06
CA HIS A 139 -29.31 17.48 15.42
C HIS A 139 -30.82 17.35 15.33
N GLY A 140 -31.36 16.14 15.42
CA GLY A 140 -32.79 15.93 15.33
C GLY A 140 -33.35 15.78 13.94
N ARG A 141 -32.52 15.91 12.90
CA ARG A 141 -32.96 15.80 11.52
C ARG A 141 -32.21 14.68 10.83
N PRO A 142 -32.90 13.80 10.11
CA PRO A 142 -32.19 12.70 9.44
C PRO A 142 -31.31 13.21 8.30
N ILE A 143 -30.25 12.45 8.03
CA ILE A 143 -29.33 12.80 6.94
C ILE A 143 -29.92 12.32 5.62
N ASP A 144 -30.03 13.25 4.68
CA ASP A 144 -30.37 12.89 3.31
C ASP A 144 -29.21 12.10 2.67
N PRO A 145 -29.52 11.14 1.80
CA PRO A 145 -28.53 10.09 1.47
C PRO A 145 -27.19 10.60 0.94
N ASP A 146 -27.19 11.67 0.15
CA ASP A 146 -25.93 12.14 -0.42
C ASP A 146 -24.96 12.63 0.65
N THR A 147 -25.48 13.30 1.68
CA THR A 147 -24.61 13.73 2.78
C THR A 147 -24.02 12.52 3.51
N LEU A 148 -24.83 11.48 3.70
CA LEU A 148 -24.32 10.27 4.34
C LEU A 148 -23.23 9.63 3.50
N THR A 149 -23.43 9.58 2.18
CA THR A 149 -22.42 9.02 1.31
C THR A 149 -21.13 9.85 1.35
N LEU A 150 -21.25 11.17 1.40
CA LEU A 150 -20.08 12.03 1.51
C LEU A 150 -19.34 11.78 2.82
N LEU A 151 -20.07 11.68 3.93
CA LEU A 151 -19.43 11.41 5.21
C LEU A 151 -18.72 10.08 5.20
N TRP A 152 -19.37 9.05 4.65
CA TRP A 152 -18.74 7.75 4.57
C TRP A 152 -17.50 7.79 3.70
N SER A 153 -17.55 8.52 2.59
CA SER A 153 -16.39 8.64 1.72
C SER A 153 -15.23 9.31 2.45
N VAL A 154 -15.53 10.35 3.23
CA VAL A 154 -14.49 11.01 4.01
C VAL A 154 -13.89 10.04 5.00
N THR A 155 -14.73 9.27 5.71
CA THR A 155 -14.22 8.32 6.68
C THR A 155 -13.31 7.28 6.02
N VAL A 156 -13.72 6.79 4.84
CA VAL A 156 -12.93 5.74 4.18
C VAL A 156 -11.62 6.32 3.64
N SER A 157 -11.65 7.54 3.11
CA SER A 157 -10.53 8.08 2.36
C SER A 157 -9.56 8.91 3.20
N ILE A 158 -9.90 9.23 4.45
CA ILE A 158 -8.98 10.04 5.25
C ILE A 158 -7.73 9.25 5.62
N PHE A 159 -7.77 7.93 5.48
CA PHE A 159 -6.56 7.13 5.58
C PHE A 159 -5.48 7.62 4.62
N ALA A 160 -5.88 8.09 3.45
CA ALA A 160 -4.90 8.57 2.48
C ALA A 160 -4.16 9.80 2.98
N ILE A 161 -4.89 10.75 3.55
CA ILE A 161 -4.23 11.93 4.11
C ILE A 161 -3.38 11.54 5.31
N GLY A 162 -3.85 10.57 6.10
CA GLY A 162 -3.02 10.07 7.18
C GLY A 162 -1.69 9.54 6.68
N GLY A 163 -1.74 8.71 5.63
CA GLY A 163 -0.50 8.19 5.06
C GLY A 163 0.36 9.27 4.46
N LEU A 164 -0.26 10.28 3.85
CA LEU A 164 0.51 11.39 3.28
C LEU A 164 1.29 12.10 4.38
N VAL A 165 0.63 12.48 5.47
CA VAL A 165 1.36 13.17 6.52
C VAL A 165 2.37 12.25 7.20
N GLY A 166 2.11 10.94 7.20
CA GLY A 166 3.09 10.00 7.71
C GLY A 166 4.37 9.97 6.89
N THR A 167 4.23 9.98 5.57
CA THR A 167 5.39 9.88 4.69
C THR A 167 6.10 11.22 4.54
N LEU A 168 5.78 12.17 5.41
CA LEU A 168 6.56 13.39 5.53
C LEU A 168 7.04 13.59 6.96
N ILE A 169 6.29 13.07 7.94
CA ILE A 169 6.80 13.07 9.31
C ILE A 169 7.92 12.05 9.47
N VAL A 170 7.95 11.01 8.63
CA VAL A 170 9.01 10.01 8.73
C VAL A 170 10.37 10.63 8.47
N LYS A 171 10.44 11.66 7.63
CA LYS A 171 11.72 12.29 7.34
C LYS A 171 12.33 12.89 8.60
N MET A 172 11.51 13.54 9.42
CA MET A 172 12.01 14.10 10.67
C MET A 172 12.20 13.02 11.74
N ILE A 173 11.35 12.00 11.76
CA ILE A 173 11.44 10.99 12.80
C ILE A 173 12.70 10.15 12.64
N GLY A 174 12.95 9.66 11.42
CA GLY A 174 14.03 8.71 11.19
C GLY A 174 15.43 9.26 11.37
N LYS A 175 15.58 10.59 11.38
CA LYS A 175 16.88 11.17 11.61
C LYS A 175 17.39 10.93 13.02
N VAL A 176 16.50 10.65 13.97
CA VAL A 176 16.87 10.46 15.37
C VAL A 176 16.40 9.11 15.91
N LEU A 177 15.13 8.77 15.68
CA LEU A 177 14.55 7.58 16.30
C LEU A 177 15.06 6.28 15.70
N GLY A 178 15.79 6.33 14.59
CA GLY A 178 16.31 5.10 14.01
C GLY A 178 15.25 4.28 13.30
N ARG A 179 15.44 2.96 13.32
CA ARG A 179 14.51 2.03 12.68
C ARG A 179 13.68 1.26 13.70
N LYS A 180 14.31 0.56 14.64
CA LYS A 180 13.57 -0.25 15.60
C LYS A 180 12.71 0.62 16.50
N HIS A 181 13.29 1.68 17.06
CA HIS A 181 12.51 2.58 17.90
C HIS A 181 11.42 3.28 17.11
N THR A 182 11.68 3.57 15.83
CA THR A 182 10.64 4.13 14.97
C THR A 182 9.48 3.15 14.82
N LEU A 183 9.79 1.86 14.64
CA LEU A 183 8.73 0.87 14.54
C LEU A 183 7.98 0.71 15.85
N LEU A 184 8.67 0.84 16.98
CA LEU A 184 7.97 0.75 18.26
C LEU A 184 7.06 1.95 18.49
N ALA A 185 7.50 3.15 18.09
CA ALA A 185 6.61 4.30 18.14
C ALA A 185 5.43 4.12 17.19
N ASN A 186 5.67 3.51 16.03
CA ASN A 186 4.59 3.13 15.14
C ASN A 186 3.60 2.22 15.84
N ASN A 187 4.11 1.27 16.63
CA ASN A 187 3.26 0.41 17.44
C ASN A 187 2.44 1.22 18.42
N GLY A 188 3.04 2.26 19.00
CA GLY A 188 2.29 3.14 19.89
C GLY A 188 1.13 3.83 19.19
N PHE A 189 1.38 4.36 17.98
CA PHE A 189 0.28 4.90 17.19
C PHE A 189 -0.78 3.85 16.93
N ALA A 190 -0.37 2.60 16.66
CA ALA A 190 -1.34 1.55 16.40
C ALA A 190 -2.23 1.30 17.61
N ILE A 191 -1.63 1.21 18.80
CA ILE A 191 -2.42 1.02 20.02
C ILE A 191 -3.40 2.15 20.21
N SER A 192 -2.93 3.40 20.13
CA SER A 192 -3.81 4.53 20.38
C SER A 192 -4.94 4.57 19.37
N ALA A 193 -4.63 4.34 18.10
CA ALA A 193 -5.65 4.40 17.05
C ALA A 193 -6.67 3.28 17.21
N ALA A 194 -6.23 2.07 17.54
CA ALA A 194 -7.16 0.97 17.71
C ALA A 194 -8.09 1.21 18.90
N LEU A 195 -7.54 1.74 20.00
CA LEU A 195 -8.39 2.02 21.15
C LEU A 195 -9.36 3.15 20.84
N LEU A 196 -8.95 4.12 20.04
CA LEU A 196 -9.87 5.19 19.66
C LEU A 196 -10.96 4.67 18.74
N MET A 197 -10.63 3.68 17.90
CA MET A 197 -11.63 2.96 17.10
C MET A 197 -12.65 2.27 17.99
N ALA A 198 -12.18 1.43 18.91
CA ALA A 198 -13.08 0.49 19.58
C ALA A 198 -14.13 1.19 20.41
N CYS A 199 -13.75 2.26 21.11
CA CYS A 199 -14.66 2.97 22.00
C CYS A 199 -15.51 3.99 21.26
N SER A 200 -15.41 4.05 19.94
CA SER A 200 -16.18 5.04 19.17
C SER A 200 -17.68 4.75 19.22
N LEU A 201 -18.07 3.48 19.15
CA LEU A 201 -19.49 3.15 19.10
C LEU A 201 -20.21 3.56 20.38
N GLN A 202 -19.68 3.14 21.53
CA GLN A 202 -20.40 3.37 22.78
C GLN A 202 -20.47 4.85 23.12
N ALA A 203 -19.38 5.58 22.86
CA ALA A 203 -19.39 7.02 23.13
C ALA A 203 -20.35 7.75 22.19
N GLY A 204 -20.58 7.21 21.00
CA GLY A 204 -21.49 7.83 20.05
C GLY A 204 -21.03 9.17 19.51
N ALA A 205 -19.75 9.28 19.15
CA ALA A 205 -19.20 10.50 18.57
C ALA A 205 -18.37 10.11 17.35
N PHE A 206 -18.92 10.33 16.15
CA PHE A 206 -18.22 9.92 14.94
C PHE A 206 -16.93 10.70 14.72
N GLU A 207 -16.82 11.88 15.33
CA GLU A 207 -15.54 12.59 15.30
C GLU A 207 -14.43 11.70 15.84
N MET A 208 -14.73 10.88 16.85
CA MET A 208 -13.76 9.95 17.37
C MET A 208 -13.31 8.97 16.29
N LEU A 209 -14.26 8.46 15.51
CA LEU A 209 -13.90 7.53 14.44
C LEU A 209 -13.03 8.21 13.40
N ILE A 210 -13.36 9.45 13.03
CA ILE A 210 -12.58 10.16 12.01
C ILE A 210 -11.15 10.39 12.49
N VAL A 211 -11.00 10.84 13.74
CA VAL A 211 -9.66 11.11 14.26
C VAL A 211 -8.87 9.82 14.41
N GLY A 212 -9.53 8.74 14.83
CA GLY A 212 -8.84 7.46 14.88
C GLY A 212 -8.37 7.01 13.52
N ARG A 213 -9.21 7.20 12.49
CA ARG A 213 -8.80 6.83 11.14
C ARG A 213 -7.61 7.66 10.69
N PHE A 214 -7.61 8.96 10.98
CA PHE A 214 -6.47 9.79 10.60
C PHE A 214 -5.19 9.36 11.31
N ILE A 215 -5.27 9.05 12.59
CA ILE A 215 -4.09 8.61 13.33
C ILE A 215 -3.57 7.29 12.78
N MET A 216 -4.47 6.36 12.51
CA MET A 216 -4.03 5.03 12.09
C MET A 216 -3.60 5.10 10.62
N GLY A 217 -3.98 6.17 9.93
CA GLY A 217 -3.44 6.45 8.62
C GLY A 217 -2.01 6.97 8.71
N ILE A 218 -1.76 7.84 9.70
CA ILE A 218 -0.38 8.24 9.99
C ILE A 218 0.47 7.02 10.28
N ASP A 219 -0.09 6.08 11.04
CA ASP A 219 0.52 4.77 11.25
C ASP A 219 0.90 4.09 9.94
N GLY A 220 0.02 4.07 8.95
CA GLY A 220 0.30 3.45 7.68
C GLY A 220 1.46 4.09 6.94
N GLY A 221 1.53 5.42 6.98
CA GLY A 221 2.60 6.11 6.30
C GLY A 221 3.93 6.01 7.00
N VAL A 222 3.91 5.79 8.32
CA VAL A 222 5.15 5.60 9.06
C VAL A 222 5.58 4.14 8.94
N ALA A 223 4.64 3.26 8.63
CA ALA A 223 4.94 1.83 8.58
C ALA A 223 5.71 1.44 7.33
N LEU A 224 5.18 1.77 6.15
CA LEU A 224 5.72 1.30 4.88
C LEU A 224 6.88 2.14 4.38
N SER A 225 7.23 3.21 5.09
CA SER A 225 8.44 3.94 4.74
C SER A 225 9.57 3.65 5.73
N VAL A 226 9.34 2.81 6.73
CA VAL A 226 10.38 2.36 7.64
C VAL A 226 10.63 0.87 7.56
N LEU A 227 9.62 0.07 7.25
CA LEU A 227 9.78 -1.37 7.16
C LEU A 227 10.75 -1.79 6.04
N PRO A 228 10.64 -1.25 4.81
CA PRO A 228 11.50 -1.75 3.72
C PRO A 228 12.99 -1.60 4.01
N MET A 229 13.41 -0.44 4.51
CA MET A 229 14.82 -0.23 4.78
C MET A 229 15.32 -1.17 5.87
N TYR A 230 14.54 -1.37 6.93
CA TYR A 230 14.92 -2.30 7.97
C TYR A 230 15.06 -3.72 7.42
N LEU A 231 14.07 -4.15 6.64
CA LEU A 231 14.09 -5.50 6.11
C LEU A 231 15.29 -5.71 5.19
N SER A 232 15.60 -4.73 4.36
CA SER A 232 16.77 -4.84 3.49
C SER A 232 18.06 -4.85 4.31
N GLU A 233 18.13 -4.03 5.36
CA GLU A 233 19.35 -3.88 6.11
C GLU A 233 19.66 -5.07 7.01
N ILE A 234 18.65 -5.83 7.42
CA ILE A 234 18.87 -6.96 8.32
C ILE A 234 19.09 -8.26 7.55
N SER A 235 19.32 -8.19 6.24
CA SER A 235 19.39 -9.39 5.43
C SER A 235 20.63 -9.37 4.55
N PRO A 236 21.15 -10.54 4.18
CA PRO A 236 22.26 -10.60 3.24
C PRO A 236 21.86 -10.11 1.85
N LYS A 237 22.88 -9.94 1.00
CA LYS A 237 22.66 -9.38 -0.33
C LYS A 237 21.83 -10.29 -1.21
N GLU A 238 22.05 -11.60 -1.13
CA GLU A 238 21.43 -12.55 -2.06
C GLU A 238 19.93 -12.72 -1.83
N ILE A 239 19.37 -12.17 -0.75
CA ILE A 239 18.02 -12.49 -0.34
C ILE A 239 17.12 -11.26 -0.32
N ARG A 240 17.65 -10.07 -0.60
CA ARG A 240 16.90 -8.83 -0.41
C ARG A 240 15.59 -8.83 -1.21
N GLY A 241 15.64 -9.27 -2.47
CA GLY A 241 14.42 -9.36 -3.25
C GLY A 241 13.41 -10.29 -2.64
N SER A 242 13.87 -11.36 -1.98
CA SER A 242 12.95 -12.24 -1.28
C SER A 242 12.22 -11.51 -0.18
N LEU A 243 12.91 -10.67 0.58
CA LEU A 243 12.22 -9.91 1.63
C LEU A 243 11.29 -8.85 1.06
N GLY A 244 11.63 -8.27 -0.09
CA GLY A 244 10.67 -7.41 -0.76
C GLY A 244 9.39 -8.15 -1.09
N GLN A 245 9.52 -9.35 -1.65
CA GLN A 245 8.34 -10.17 -1.89
C GLN A 245 7.66 -10.54 -0.58
N VAL A 246 8.41 -10.66 0.51
CA VAL A 246 7.83 -10.98 1.81
C VAL A 246 6.92 -9.85 2.28
N THR A 247 7.40 -8.61 2.18
CA THR A 247 6.54 -7.50 2.61
C THR A 247 5.34 -7.36 1.71
N ALA A 248 5.50 -7.62 0.40
CA ALA A 248 4.34 -7.62 -0.49
C ALA A 248 3.33 -8.68 -0.07
N ILE A 249 3.82 -9.89 0.21
CA ILE A 249 2.93 -11.01 0.56
C ILE A 249 2.23 -10.74 1.87
N PHE A 250 2.90 -10.09 2.83
CA PHE A 250 2.22 -9.79 4.08
C PHE A 250 1.20 -8.67 3.92
N ILE A 251 1.45 -7.69 3.06
CA ILE A 251 0.36 -6.74 2.77
C ILE A 251 -0.83 -7.46 2.17
N CYS A 252 -0.56 -8.39 1.26
CA CYS A 252 -1.64 -9.14 0.62
C CYS A 252 -2.39 -10.00 1.63
N ILE A 253 -1.67 -10.66 2.53
CA ILE A 253 -2.33 -11.51 3.52
C ILE A 253 -3.07 -10.68 4.55
N GLY A 254 -2.60 -9.46 4.82
CA GLY A 254 -3.36 -8.56 5.67
C GLY A 254 -4.69 -8.18 5.05
N VAL A 255 -4.67 -7.86 3.75
CA VAL A 255 -5.93 -7.59 3.05
C VAL A 255 -6.83 -8.82 3.07
N PHE A 256 -6.25 -10.00 2.85
CA PHE A 256 -7.04 -11.22 2.84
C PHE A 256 -7.69 -11.48 4.20
N THR A 257 -6.94 -11.32 5.29
CA THR A 257 -7.52 -11.57 6.59
C THR A 257 -8.51 -10.49 6.99
N GLY A 258 -8.33 -9.27 6.49
CA GLY A 258 -9.34 -8.25 6.70
C GLY A 258 -10.65 -8.60 6.00
N GLN A 259 -10.55 -9.12 4.78
CA GLN A 259 -11.74 -9.58 4.07
C GLN A 259 -12.32 -10.83 4.69
N LEU A 260 -11.51 -11.60 5.42
CA LEU A 260 -11.98 -12.81 6.08
C LEU A 260 -12.72 -12.49 7.37
N LEU A 261 -12.13 -11.65 8.23
CA LEU A 261 -12.77 -11.31 9.50
C LEU A 261 -14.06 -10.52 9.32
N GLY A 262 -14.32 -10.01 8.13
CA GLY A 262 -15.57 -9.35 7.87
C GLY A 262 -16.74 -10.26 7.58
N LEU A 263 -16.54 -11.58 7.73
CA LEU A 263 -17.61 -12.52 7.47
C LEU A 263 -18.76 -12.28 8.45
N PRO A 264 -20.00 -12.52 8.02
CA PRO A 264 -21.14 -12.27 8.92
C PRO A 264 -21.10 -13.11 10.18
N GLU A 265 -20.57 -14.33 10.11
CA GLU A 265 -20.58 -15.20 11.28
C GLU A 265 -19.57 -14.74 12.32
N LEU A 266 -18.36 -14.36 11.90
CA LEU A 266 -17.30 -14.08 12.86
C LEU A 266 -17.43 -12.68 13.46
N LEU A 267 -17.29 -11.66 12.63
CA LEU A 267 -17.27 -10.27 13.09
C LEU A 267 -18.09 -9.39 12.17
N GLY A 268 -19.27 -9.85 11.79
CA GLY A 268 -20.15 -9.07 10.93
C GLY A 268 -21.50 -8.82 11.56
N LYS A 269 -21.76 -9.43 12.71
CA LYS A 269 -23.04 -9.26 13.38
C LYS A 269 -23.20 -7.82 13.86
N GLU A 270 -24.43 -7.48 14.23
CA GLU A 270 -24.71 -6.14 14.70
C GLU A 270 -24.14 -5.88 16.09
N SER A 271 -23.93 -6.94 16.87
CA SER A 271 -23.42 -6.82 18.22
C SER A 271 -21.93 -7.16 18.32
N THR A 272 -21.22 -7.15 17.20
CA THR A 272 -19.83 -7.57 17.20
C THR A 272 -18.93 -6.66 16.37
N TRP A 273 -19.46 -5.82 15.50
CA TRP A 273 -18.62 -5.06 14.59
C TRP A 273 -17.58 -4.16 15.26
N PRO A 274 -17.76 -3.62 16.47
CA PRO A 274 -16.66 -2.86 17.07
C PRO A 274 -15.38 -3.66 17.22
N TYR A 275 -15.48 -4.97 17.40
CA TYR A 275 -14.27 -5.80 17.49
C TYR A 275 -13.52 -5.88 16.17
N LEU A 276 -14.06 -5.07 15.23
CA LEU A 276 -13.47 -5.11 13.87
C LEU A 276 -12.34 -4.13 13.91
N PHE A 277 -12.45 -3.15 14.76
CA PHE A 277 -11.27 -2.32 14.83
C PHE A 277 -10.71 -2.55 16.22
N GLY A 278 -11.05 -3.64 16.89
CA GLY A 278 -10.39 -4.02 18.13
C GLY A 278 -9.39 -5.15 18.00
N VAL A 279 -9.42 -5.89 16.89
CA VAL A 279 -8.44 -6.93 16.65
C VAL A 279 -7.03 -6.35 16.50
N ILE A 280 -6.92 -5.09 16.06
CA ILE A 280 -5.63 -4.47 15.78
C ILE A 280 -4.68 -4.52 16.98
N VAL A 281 -5.22 -4.63 18.20
CA VAL A 281 -4.36 -4.65 19.37
C VAL A 281 -3.42 -5.85 19.34
N VAL A 282 -3.92 -7.02 18.92
CA VAL A 282 -3.13 -8.24 18.99
C VAL A 282 -1.86 -8.18 18.14
N PRO A 283 -1.91 -7.80 16.84
CA PRO A 283 -0.66 -7.69 16.10
C PRO A 283 0.31 -6.69 16.72
N ALA A 284 -0.22 -5.58 17.22
CA ALA A 284 0.64 -4.60 17.88
C ALA A 284 1.27 -5.17 19.14
N VAL A 285 0.51 -5.92 19.92
CA VAL A 285 1.03 -6.50 21.15
C VAL A 285 2.13 -7.51 20.84
N VAL A 286 1.89 -8.38 19.86
CA VAL A 286 2.90 -9.39 19.54
C VAL A 286 4.15 -8.74 18.95
N GLN A 287 3.99 -7.68 18.17
CA GLN A 287 5.17 -6.96 17.67
C GLN A 287 5.94 -6.33 18.82
N LEU A 288 5.24 -5.73 19.79
CA LEU A 288 5.93 -5.12 20.93
C LEU A 288 6.64 -6.19 21.76
N LEU A 289 6.10 -7.40 21.80
CA LEU A 289 6.73 -8.46 22.57
C LEU A 289 7.86 -9.15 21.82
N SER A 290 7.91 -9.03 20.50
CA SER A 290 8.92 -9.73 19.70
C SER A 290 10.07 -8.83 19.27
N LEU A 291 9.78 -7.67 18.68
CA LEU A 291 10.83 -6.85 18.07
C LEU A 291 11.91 -6.37 19.04
N PRO A 292 11.59 -5.85 20.23
CA PRO A 292 12.66 -5.28 21.07
C PRO A 292 13.72 -6.28 21.51
N PHE A 293 13.45 -7.57 21.40
CA PHE A 293 14.44 -8.59 21.76
C PHE A 293 15.32 -8.99 20.58
N LEU A 294 15.52 -8.09 19.63
CA LEU A 294 16.34 -8.32 18.45
C LEU A 294 17.33 -7.18 18.27
N PRO A 295 18.46 -7.44 17.60
CA PRO A 295 19.44 -6.37 17.37
C PRO A 295 18.89 -5.30 16.43
N ASP A 296 19.42 -4.09 16.58
CA ASP A 296 19.03 -2.95 15.75
C ASP A 296 19.53 -3.16 14.33
N SER A 297 19.26 -2.17 13.48
CA SER A 297 19.77 -2.20 12.12
C SER A 297 21.27 -1.96 12.14
N PRO A 298 22.09 -2.89 11.66
CA PRO A 298 23.54 -2.67 11.71
C PRO A 298 23.98 -1.46 10.89
N ARG A 299 23.35 -1.25 9.72
CA ARG A 299 23.69 -0.09 8.91
C ARG A 299 23.35 1.20 9.64
N TYR A 300 22.21 1.23 10.33
CA TYR A 300 21.89 2.40 11.15
C TYR A 300 22.91 2.61 12.24
N LEU A 301 23.37 1.52 12.86
CA LEU A 301 24.34 1.63 13.95
C LEU A 301 25.73 2.04 13.46
N LEU A 302 26.04 1.84 12.17
CA LEU A 302 27.37 2.15 11.68
C LEU A 302 27.46 3.42 10.84
N LEU A 303 26.35 3.86 10.23
CA LEU A 303 26.40 5.07 9.42
C LEU A 303 26.64 6.31 10.27
N GLU A 304 25.90 6.45 11.37
CA GLU A 304 26.02 7.65 12.19
C GLU A 304 26.20 7.34 13.66
N LYS A 305 25.71 6.20 14.13
CA LYS A 305 25.86 5.85 15.54
C LYS A 305 27.30 5.46 15.87
N HIS A 306 28.01 4.88 14.89
CA HIS A 306 29.42 4.49 15.05
C HIS A 306 29.60 3.53 16.23
N ASN A 307 28.65 2.62 16.41
CA ASN A 307 28.74 1.59 17.45
C ASN A 307 29.37 0.37 16.83
N GLU A 308 30.70 0.28 16.92
CA GLU A 308 31.43 -0.80 16.25
C GLU A 308 31.05 -2.16 16.82
N ALA A 309 31.09 -2.30 18.14
CA ALA A 309 30.78 -3.58 18.76
C ALA A 309 29.33 -3.97 18.52
N ARG A 310 28.40 -3.01 18.67
CA ARG A 310 26.99 -3.30 18.46
C ARG A 310 26.72 -3.69 17.02
N ALA A 311 27.31 -2.98 16.06
CA ALA A 311 27.12 -3.32 14.65
C ALA A 311 27.70 -4.69 14.34
N VAL A 312 28.88 -5.00 14.88
CA VAL A 312 29.50 -6.30 14.64
C VAL A 312 28.61 -7.41 15.21
N LYS A 313 28.08 -7.22 16.42
CA LYS A 313 27.19 -8.21 16.99
C LYS A 313 25.92 -8.37 16.16
N ALA A 314 25.38 -7.26 15.65
CA ALA A 314 24.18 -7.34 14.83
C ALA A 314 24.43 -8.11 13.54
N PHE A 315 25.55 -7.83 12.87
CA PHE A 315 25.89 -8.61 11.68
C PHE A 315 26.09 -10.08 12.02
N GLN A 316 26.77 -10.37 13.13
CA GLN A 316 27.01 -11.76 13.50
C GLN A 316 25.70 -12.50 13.75
N THR A 317 24.75 -11.85 14.43
CA THR A 317 23.48 -12.50 14.73
C THR A 317 22.63 -12.66 13.47
N PHE A 318 22.55 -11.61 12.64
CA PHE A 318 21.63 -11.65 11.50
C PHE A 318 22.17 -12.55 10.38
N LEU A 319 23.47 -12.46 10.07
CA LEU A 319 24.03 -13.23 8.98
C LEU A 319 24.33 -14.67 9.36
N GLY A 320 24.26 -15.02 10.64
CA GLY A 320 24.49 -16.38 11.07
C GLY A 320 25.93 -16.82 11.08
N LYS A 321 26.88 -15.91 10.91
CA LYS A 321 28.29 -16.26 10.89
C LYS A 321 29.09 -15.19 11.63
N ALA A 322 30.27 -15.58 12.09
CA ALA A 322 31.17 -14.67 12.79
C ALA A 322 32.11 -13.93 11.86
N ASP A 323 32.12 -14.26 10.57
CA ASP A 323 32.97 -13.59 9.59
C ASP A 323 32.10 -12.61 8.80
N VAL A 324 32.04 -11.37 9.29
CA VAL A 324 31.18 -10.35 8.68
C VAL A 324 31.98 -9.07 8.49
N SER A 325 33.31 -9.15 8.61
CA SER A 325 34.14 -7.96 8.49
C SER A 325 34.05 -7.36 7.09
N GLN A 326 33.92 -8.22 6.07
CA GLN A 326 33.84 -7.73 4.70
C GLN A 326 32.61 -6.86 4.50
N GLU A 327 31.47 -7.28 5.07
CA GLU A 327 30.25 -6.48 4.96
C GLU A 327 30.41 -5.14 5.67
N VAL A 328 31.09 -5.14 6.82
CA VAL A 328 31.32 -3.90 7.56
C VAL A 328 32.16 -2.94 6.72
N GLU A 329 33.24 -3.46 6.12
CA GLU A 329 34.07 -2.61 5.27
C GLU A 329 33.29 -2.10 4.07
N GLU A 330 32.46 -2.95 3.47
CA GLU A 330 31.68 -2.54 2.32
C GLU A 330 30.70 -1.43 2.67
N VAL A 331 30.00 -1.57 3.80
CA VAL A 331 29.04 -0.54 4.18
C VAL A 331 29.76 0.74 4.60
N LEU A 332 30.94 0.64 5.19
CA LEU A 332 31.72 1.84 5.50
C LEU A 332 32.16 2.56 4.24
N ALA A 333 32.58 1.80 3.22
CA ALA A 333 32.93 2.41 1.93
C ALA A 333 31.72 3.08 1.29
N GLU A 334 30.55 2.43 1.38
CA GLU A 334 29.34 3.03 0.85
C GLU A 334 29.00 4.32 1.60
N SER A 335 29.18 4.32 2.91
CA SER A 335 28.95 5.53 3.70
C SER A 335 29.89 6.65 3.27
N ARG A 336 31.16 6.32 3.05
CA ARG A 336 32.11 7.32 2.58
C ARG A 336 31.72 7.88 1.22
N VAL A 337 31.29 6.99 0.31
CA VAL A 337 30.87 7.44 -1.01
C VAL A 337 29.66 8.36 -0.91
N GLN A 338 28.69 7.99 -0.09
CA GLN A 338 27.51 8.84 0.08
C GLN A 338 27.86 10.19 0.69
N ARG A 339 28.73 10.19 1.69
CA ARG A 339 29.16 11.44 2.32
C ARG A 339 29.99 12.29 1.37
N SER A 340 30.59 11.69 0.34
CA SER A 340 31.32 12.46 -0.66
C SER A 340 30.40 13.08 -1.70
N ILE A 341 29.10 12.79 -1.67
CA ILE A 341 28.13 13.29 -2.63
C ILE A 341 27.19 14.25 -1.92
N ARG A 342 27.01 15.44 -2.49
CA ARG A 342 26.15 16.45 -1.89
C ARG A 342 24.68 16.09 -2.08
N LEU A 343 23.91 16.22 -1.01
CA LEU A 343 22.48 15.95 -1.06
C LEU A 343 21.75 17.05 -1.82
N VAL A 344 20.67 16.67 -2.50
CA VAL A 344 19.87 17.58 -3.30
C VAL A 344 18.45 17.62 -2.74
N SER A 345 17.87 18.82 -2.69
CA SER A 345 16.54 19.01 -2.13
C SER A 345 15.47 18.66 -3.16
N VAL A 346 14.23 18.54 -2.68
CA VAL A 346 13.11 18.23 -3.56
C VAL A 346 12.87 19.37 -4.53
N LEU A 347 12.91 20.62 -4.04
CA LEU A 347 12.69 21.77 -4.92
C LEU A 347 13.79 21.87 -5.98
N GLU A 348 15.04 21.67 -5.57
CA GLU A 348 16.14 21.71 -6.53
C GLU A 348 16.01 20.58 -7.55
N LEU A 349 15.60 19.39 -7.10
CA LEU A 349 15.38 18.28 -8.02
C LEU A 349 14.29 18.61 -9.03
N LEU A 350 13.20 19.23 -8.58
CA LEU A 350 12.14 19.63 -9.50
C LEU A 350 12.64 20.68 -10.49
N ARG A 351 13.43 21.63 -10.01
CA ARG A 351 13.94 22.67 -10.91
C ARG A 351 15.02 22.15 -11.84
N ALA A 352 15.61 20.99 -11.53
CA ALA A 352 16.66 20.46 -12.38
C ALA A 352 16.09 20.02 -13.73
N PRO A 353 16.70 20.42 -14.84
CA PRO A 353 16.12 20.09 -16.16
C PRO A 353 16.45 18.68 -16.62
N TYR A 354 17.54 18.10 -16.11
CA TYR A 354 17.98 16.81 -16.59
C TYR A 354 17.26 15.64 -15.94
N VAL A 355 16.36 15.90 -14.98
CA VAL A 355 15.54 14.86 -14.38
C VAL A 355 14.06 15.17 -14.47
N ARG A 356 13.68 16.16 -15.30
CA ARG A 356 12.27 16.50 -15.45
C ARG A 356 11.48 15.33 -16.04
N TRP A 357 12.02 14.68 -17.08
CA TRP A 357 11.31 13.56 -17.66
C TRP A 357 11.24 12.39 -16.69
N GLN A 358 12.30 12.16 -15.91
CA GLN A 358 12.28 11.08 -14.93
C GLN A 358 11.22 11.33 -13.86
N VAL A 359 11.14 12.56 -13.34
CA VAL A 359 10.16 12.84 -12.31
C VAL A 359 8.74 12.80 -12.86
N VAL A 360 8.53 13.28 -14.09
CA VAL A 360 7.22 13.14 -14.71
C VAL A 360 6.83 11.68 -14.87
N THR A 361 7.79 10.86 -15.28
CA THR A 361 7.53 9.43 -15.45
C THR A 361 7.13 8.78 -14.13
N VAL A 362 7.86 9.09 -13.05
CA VAL A 362 7.57 8.44 -11.77
C VAL A 362 6.24 8.94 -11.21
N ILE A 363 5.95 10.22 -11.36
CA ILE A 363 4.69 10.78 -10.89
C ILE A 363 3.54 10.12 -11.62
N VAL A 364 3.66 10.00 -12.95
CA VAL A 364 2.59 9.41 -13.74
C VAL A 364 2.44 7.92 -13.42
N THR A 365 3.55 7.23 -13.19
CA THR A 365 3.48 5.81 -12.83
C THR A 365 2.74 5.63 -11.51
N MET A 366 3.05 6.45 -10.52
CA MET A 366 2.36 6.35 -9.23
C MET A 366 0.88 6.72 -9.37
N ALA A 367 0.60 7.78 -10.14
CA ALA A 367 -0.78 8.21 -10.32
C ALA A 367 -1.61 7.14 -11.01
N CYS A 368 -1.04 6.45 -12.01
CA CYS A 368 -1.77 5.41 -12.71
C CYS A 368 -1.85 4.12 -11.88
N TYR A 369 -0.84 3.87 -11.05
CA TYR A 369 -0.84 2.71 -10.18
C TYR A 369 -1.82 2.85 -9.02
N GLN A 370 -2.19 4.08 -8.65
CA GLN A 370 -3.16 4.27 -7.58
C GLN A 370 -4.53 4.75 -8.04
N LEU A 371 -4.63 5.34 -9.23
CA LEU A 371 -5.91 5.69 -9.84
C LEU A 371 -6.48 4.56 -10.69
N CYS A 372 -5.79 3.43 -10.77
CA CYS A 372 -6.34 2.28 -11.49
C CYS A 372 -7.62 1.80 -10.84
N GLY A 373 -7.76 2.00 -9.54
CA GLY A 373 -8.98 1.64 -8.84
C GLY A 373 -8.94 0.35 -8.07
N LEU A 374 -7.77 -0.28 -7.92
CA LEU A 374 -7.71 -1.49 -7.10
C LEU A 374 -8.04 -1.18 -5.65
N ASN A 375 -7.54 -0.07 -5.12
CA ASN A 375 -7.91 0.31 -3.77
C ASN A 375 -9.39 0.67 -3.70
N ALA A 376 -9.96 1.19 -4.79
CA ALA A 376 -11.39 1.45 -4.82
C ALA A 376 -12.18 0.17 -4.63
N ILE A 377 -11.83 -0.87 -5.39
CA ILE A 377 -12.55 -2.16 -5.22
C ILE A 377 -12.29 -2.65 -3.78
N TRP A 378 -11.05 -2.60 -3.30
CA TRP A 378 -10.78 -3.11 -1.96
C TRP A 378 -11.63 -2.41 -0.92
N PHE A 379 -11.90 -1.12 -1.11
CA PHE A 379 -12.76 -0.38 -0.18
C PHE A 379 -14.24 -0.74 -0.35
N TYR A 380 -14.72 -0.85 -1.59
CA TYR A 380 -16.14 -0.98 -1.87
C TYR A 380 -16.47 -2.29 -2.57
N THR A 381 -15.79 -3.37 -2.18
CA THR A 381 -16.07 -4.67 -2.77
C THR A 381 -17.51 -5.10 -2.52
N ASN A 382 -18.02 -4.88 -1.32
CA ASN A 382 -19.38 -5.28 -1.01
C ASN A 382 -20.37 -4.58 -1.94
N SER A 383 -20.21 -3.27 -2.10
CA SER A 383 -21.12 -2.51 -2.97
C SER A 383 -20.98 -2.92 -4.42
N ILE A 384 -19.75 -3.11 -4.90
CA ILE A 384 -19.54 -3.49 -6.29
C ILE A 384 -20.20 -4.83 -6.58
N PHE A 385 -19.97 -5.82 -5.73
CA PHE A 385 -20.53 -7.14 -5.98
C PHE A 385 -22.03 -7.16 -5.77
N GLY A 386 -22.56 -6.32 -4.89
CA GLY A 386 -24.01 -6.22 -4.76
C GLY A 386 -24.65 -5.64 -6.00
N LYS A 387 -24.03 -4.62 -6.59
CA LYS A 387 -24.62 -3.97 -7.77
C LYS A 387 -24.57 -4.85 -9.00
N ALA A 388 -23.86 -5.98 -8.96
CA ALA A 388 -23.73 -6.87 -10.10
C ALA A 388 -24.82 -7.94 -10.15
N GLY A 389 -25.80 -7.89 -9.24
CA GLY A 389 -26.88 -8.84 -9.24
C GLY A 389 -26.65 -10.10 -8.43
N ILE A 390 -25.47 -10.26 -7.85
CA ILE A 390 -25.22 -11.42 -6.99
C ILE A 390 -26.12 -11.35 -5.78
N PRO A 391 -26.73 -12.46 -5.35
CA PRO A 391 -27.56 -12.41 -4.15
C PRO A 391 -26.75 -12.00 -2.95
N PRO A 392 -27.35 -11.25 -2.01
CA PRO A 392 -26.60 -10.80 -0.83
C PRO A 392 -26.13 -11.93 0.07
N ALA A 393 -26.70 -13.13 -0.06
CA ALA A 393 -26.33 -14.23 0.82
C ALA A 393 -24.93 -14.76 0.57
N LYS A 394 -24.27 -14.36 -0.51
CA LYS A 394 -22.96 -14.90 -0.85
C LYS A 394 -21.87 -13.86 -1.03
N ILE A 395 -22.17 -12.57 -0.88
CA ILE A 395 -21.18 -11.54 -1.16
C ILE A 395 -19.93 -11.66 -0.28
N PRO A 396 -20.04 -11.85 1.05
CA PRO A 396 -18.80 -11.96 1.84
C PRO A 396 -17.89 -13.10 1.41
N TYR A 397 -18.47 -14.24 1.01
CA TYR A 397 -17.65 -15.36 0.57
C TYR A 397 -16.92 -15.03 -0.73
N VAL A 398 -17.59 -14.35 -1.66
CA VAL A 398 -16.92 -13.97 -2.89
C VAL A 398 -15.84 -12.94 -2.61
N THR A 399 -16.06 -12.05 -1.65
CA THR A 399 -15.01 -11.14 -1.21
C THR A 399 -13.81 -11.90 -0.66
N LEU A 400 -14.07 -12.97 0.10
CA LEU A 400 -13.00 -13.83 0.58
C LEU A 400 -12.23 -14.44 -0.59
N SER A 401 -12.95 -14.85 -1.64
CA SER A 401 -12.28 -15.39 -2.82
C SER A 401 -11.39 -14.34 -3.47
N THR A 402 -11.87 -13.09 -3.52
CA THR A 402 -11.05 -11.99 -4.01
C THR A 402 -9.74 -11.88 -3.23
N GLY A 403 -9.84 -11.87 -1.90
CA GLY A 403 -8.63 -11.81 -1.09
C GLY A 403 -7.70 -12.97 -1.34
N GLY A 404 -8.25 -14.18 -1.44
CA GLY A 404 -7.42 -15.35 -1.66
C GLY A 404 -6.67 -15.30 -2.97
N ILE A 405 -7.37 -14.95 -4.05
CA ILE A 405 -6.70 -14.87 -5.34
C ILE A 405 -5.68 -13.75 -5.34
N GLU A 406 -5.92 -12.68 -4.58
CA GLU A 406 -4.97 -11.58 -4.55
C GLU A 406 -3.66 -12.02 -3.90
N THR A 407 -3.77 -12.76 -2.79
CA THR A 407 -2.57 -13.32 -2.17
C THR A 407 -1.87 -14.32 -3.09
N LEU A 408 -2.64 -15.19 -3.76
CA LEU A 408 -2.02 -16.16 -4.67
C LEU A 408 -1.30 -15.45 -5.81
N ALA A 409 -1.89 -14.38 -6.34
CA ALA A 409 -1.24 -13.62 -7.39
C ALA A 409 0.06 -12.99 -6.89
N ALA A 410 0.07 -12.53 -5.64
CA ALA A 410 1.32 -12.03 -5.06
C ALA A 410 2.39 -13.12 -5.02
N VAL A 411 2.00 -14.31 -4.57
CA VAL A 411 2.96 -15.41 -4.47
C VAL A 411 3.52 -15.75 -5.85
N PHE A 412 2.65 -15.79 -6.87
CA PHE A 412 3.10 -16.07 -8.23
C PHE A 412 3.99 -14.96 -8.76
N SER A 413 3.66 -13.70 -8.44
CA SER A 413 4.46 -12.57 -8.90
C SER A 413 5.87 -12.65 -8.33
N GLY A 414 5.99 -13.08 -7.07
CA GLY A 414 7.28 -13.21 -6.41
C GLY A 414 8.32 -13.98 -7.22
N LEU A 415 7.86 -14.75 -8.20
CA LEU A 415 8.74 -15.46 -9.12
C LEU A 415 8.61 -14.98 -10.56
N VAL A 416 7.43 -14.51 -10.98
CA VAL A 416 7.26 -14.01 -12.34
C VAL A 416 8.12 -12.78 -12.57
N ILE A 417 8.25 -11.93 -11.55
CA ILE A 417 8.98 -10.68 -11.71
C ILE A 417 10.42 -10.94 -12.11
N GLU A 418 11.06 -11.93 -11.49
CA GLU A 418 12.47 -12.20 -11.75
C GLU A 418 12.73 -12.74 -13.15
N HIS A 419 11.69 -13.15 -13.88
CA HIS A 419 11.89 -13.79 -15.17
C HIS A 419 11.28 -13.05 -16.35
N LEU A 420 10.31 -12.16 -16.13
CA LEU A 420 9.72 -11.45 -17.27
C LEU A 420 10.41 -10.09 -17.52
N GLY A 421 10.46 -9.24 -16.52
CA GLY A 421 11.11 -7.95 -16.66
C GLY A 421 10.39 -6.89 -15.87
N ARG A 422 10.59 -5.64 -16.28
CA ARG A 422 9.90 -4.51 -15.67
C ARG A 422 8.99 -3.80 -16.66
N ARG A 423 9.51 -3.34 -17.80
CA ARG A 423 8.70 -2.55 -18.72
C ARG A 423 7.65 -3.40 -19.44
N PRO A 424 7.97 -4.53 -20.05
CA PRO A 424 6.89 -5.37 -20.62
C PRO A 424 5.88 -5.80 -19.58
N LEU A 425 6.32 -6.10 -18.36
CA LEU A 425 5.38 -6.49 -17.32
C LEU A 425 4.43 -5.36 -16.97
N LEU A 426 4.95 -4.15 -16.82
CA LEU A 426 4.09 -3.02 -16.49
C LEU A 426 3.10 -2.74 -17.61
N ILE A 427 3.57 -2.73 -18.86
CA ILE A 427 2.69 -2.42 -19.99
C ILE A 427 1.61 -3.49 -20.11
N GLY A 428 2.01 -4.77 -20.02
CA GLY A 428 1.02 -5.84 -20.09
C GLY A 428 0.02 -5.79 -18.96
N GLY A 429 0.49 -5.47 -17.74
CA GLY A 429 -0.42 -5.36 -16.62
C GLY A 429 -1.46 -4.28 -16.82
N PHE A 430 -1.02 -3.09 -17.26
CA PHE A 430 -1.98 -2.01 -17.44
C PHE A 430 -2.91 -2.26 -18.63
N GLY A 431 -2.39 -2.82 -19.72
CA GLY A 431 -3.24 -3.14 -20.84
C GLY A 431 -4.28 -4.20 -20.51
N LEU A 432 -3.88 -5.22 -19.75
CA LEU A 432 -4.83 -6.23 -19.31
C LEU A 432 -5.83 -5.65 -18.33
N MET A 433 -5.39 -4.68 -17.51
CA MET A 433 -6.35 -3.94 -16.70
C MET A 433 -7.40 -3.27 -17.57
N GLY A 434 -6.95 -2.60 -18.64
CA GLY A 434 -7.90 -1.93 -19.52
C GLY A 434 -8.87 -2.89 -20.17
N LEU A 435 -8.34 -3.99 -20.71
CA LEU A 435 -9.20 -4.94 -21.42
C LEU A 435 -10.17 -5.63 -20.47
N PHE A 436 -9.72 -5.96 -19.25
CA PHE A 436 -10.62 -6.58 -18.30
C PHE A 436 -11.61 -5.59 -17.71
N PHE A 437 -11.27 -4.30 -17.66
CA PHE A 437 -12.25 -3.30 -17.28
C PHE A 437 -13.30 -3.15 -18.36
N GLY A 438 -12.89 -3.28 -19.63
CA GLY A 438 -13.85 -3.32 -20.72
C GLY A 438 -14.78 -4.51 -20.64
N THR A 439 -14.23 -5.70 -20.35
CA THR A 439 -15.11 -6.86 -20.24
C THR A 439 -16.00 -6.76 -18.99
N LEU A 440 -15.51 -6.12 -17.92
CA LEU A 440 -16.34 -5.89 -16.75
C LEU A 440 -17.50 -4.97 -17.08
N THR A 441 -17.27 -3.89 -17.83
CA THR A 441 -18.38 -3.00 -18.13
C THR A 441 -19.34 -3.63 -19.14
N ILE A 442 -18.84 -4.48 -20.05
CA ILE A 442 -19.75 -5.15 -20.96
C ILE A 442 -20.51 -6.28 -20.28
N THR A 443 -20.01 -6.79 -19.14
CA THR A 443 -20.76 -7.79 -18.40
C THR A 443 -21.64 -7.18 -17.31
N LEU A 444 -21.41 -5.91 -16.95
CA LEU A 444 -22.31 -5.21 -16.03
C LEU A 444 -23.43 -4.47 -16.75
N THR A 445 -23.18 -4.01 -17.97
CA THR A 445 -24.24 -3.31 -18.70
C THR A 445 -25.38 -4.26 -19.08
N LEU A 446 -25.05 -5.52 -19.38
CA LEU A 446 -26.06 -6.49 -19.81
C LEU A 446 -26.15 -7.67 -18.86
N GLN A 447 -26.21 -7.41 -17.56
CA GLN A 447 -26.30 -8.47 -16.57
C GLN A 447 -27.65 -9.18 -16.60
N ASP A 448 -28.69 -8.55 -17.13
CA ASP A 448 -30.03 -9.12 -17.08
C ASP A 448 -30.32 -10.10 -18.20
N HIS A 449 -29.48 -10.16 -19.24
CA HIS A 449 -29.78 -11.03 -20.37
C HIS A 449 -29.77 -12.49 -19.98
N ALA A 450 -28.80 -12.91 -19.18
CA ALA A 450 -28.66 -14.30 -18.81
C ALA A 450 -28.40 -14.44 -17.32
N PRO A 451 -28.81 -15.55 -16.70
CA PRO A 451 -28.55 -15.72 -15.28
C PRO A 451 -27.07 -15.78 -14.91
N TRP A 452 -26.23 -16.35 -15.78
CA TRP A 452 -24.84 -16.62 -15.44
C TRP A 452 -23.92 -15.45 -15.75
N VAL A 453 -24.45 -14.24 -15.90
CA VAL A 453 -23.63 -13.07 -16.19
C VAL A 453 -22.92 -12.56 -14.94
N PRO A 454 -23.56 -12.50 -13.76
CA PRO A 454 -22.82 -12.10 -12.56
C PRO A 454 -21.61 -12.97 -12.27
N TYR A 455 -21.65 -14.25 -12.62
CA TYR A 455 -20.47 -15.08 -12.51
C TYR A 455 -19.36 -14.57 -13.42
N LEU A 456 -19.72 -14.11 -14.61
CA LEU A 456 -18.75 -13.46 -15.48
C LEU A 456 -18.19 -12.20 -14.84
N SER A 457 -19.03 -11.45 -14.13
CA SER A 457 -18.52 -10.27 -13.42
C SER A 457 -17.50 -10.67 -12.36
N ILE A 458 -17.80 -11.73 -11.60
CA ILE A 458 -16.87 -12.19 -10.57
C ILE A 458 -15.56 -12.65 -11.19
N VAL A 459 -15.64 -13.38 -12.31
CA VAL A 459 -14.44 -13.85 -12.99
C VAL A 459 -13.63 -12.67 -13.52
N GLY A 460 -14.32 -11.65 -14.03
CA GLY A 460 -13.62 -10.47 -14.50
C GLY A 460 -12.86 -9.78 -13.39
N ILE A 461 -13.51 -9.59 -12.24
CA ILE A 461 -12.83 -8.96 -11.11
C ILE A 461 -11.66 -9.82 -10.64
N LEU A 462 -11.86 -11.13 -10.63
CA LEU A 462 -10.80 -12.08 -10.31
C LEU A 462 -9.57 -11.82 -11.17
N ALA A 463 -9.78 -11.75 -12.50
CA ALA A 463 -8.67 -11.56 -13.43
C ALA A 463 -8.06 -10.17 -13.30
N ILE A 464 -8.88 -9.17 -12.99
CA ILE A 464 -8.36 -7.82 -12.76
C ILE A 464 -7.35 -7.83 -11.63
N ILE A 465 -7.73 -8.43 -10.49
CA ILE A 465 -6.84 -8.43 -9.34
C ILE A 465 -5.62 -9.29 -9.61
N ALA A 466 -5.79 -10.40 -10.33
CA ALA A 466 -4.63 -11.24 -10.67
C ALA A 466 -3.65 -10.48 -11.56
N SER A 467 -4.15 -9.79 -12.57
CA SER A 467 -3.29 -9.04 -13.48
C SER A 467 -2.60 -7.88 -12.77
N PHE A 468 -3.30 -7.23 -11.84
CA PHE A 468 -2.65 -6.22 -11.00
C PHE A 468 -1.52 -6.84 -10.21
N CYS A 469 -1.86 -7.77 -9.32
CA CYS A 469 -0.90 -8.21 -8.31
C CYS A 469 0.24 -9.01 -8.91
N SER A 470 0.07 -9.59 -10.10
CA SER A 470 1.17 -10.25 -10.78
C SER A 470 1.94 -9.33 -11.70
N GLY A 471 1.45 -8.11 -11.93
CA GLY A 471 2.09 -7.18 -12.84
C GLY A 471 2.66 -5.97 -12.15
N PRO A 472 1.96 -4.84 -12.25
CA PRO A 472 2.48 -3.59 -11.68
C PRO A 472 2.21 -3.46 -10.20
N GLY A 473 1.89 -4.56 -9.54
CA GLY A 473 1.58 -4.50 -8.12
C GLY A 473 2.75 -4.05 -7.27
N GLY A 474 3.96 -4.51 -7.61
CA GLY A 474 5.11 -4.23 -6.77
C GLY A 474 6.26 -3.52 -7.45
N ILE A 475 6.36 -3.62 -8.78
CA ILE A 475 7.48 -3.06 -9.52
C ILE A 475 7.58 -1.55 -9.33
N PRO A 476 6.51 -0.77 -9.42
CA PRO A 476 6.61 0.69 -9.23
C PRO A 476 7.36 1.15 -8.00
N PHE A 477 7.54 0.32 -6.98
CA PHE A 477 8.28 0.71 -5.77
C PHE A 477 9.78 0.39 -5.90
N ILE A 478 10.16 -0.33 -6.94
CA ILE A 478 11.56 -0.64 -7.20
C ILE A 478 12.05 0.25 -8.34
N LEU A 479 11.25 0.30 -9.40
CA LEU A 479 11.56 1.11 -10.57
C LEU A 479 11.71 2.58 -10.17
N THR A 480 10.92 3.02 -9.19
CA THR A 480 10.97 4.41 -8.75
C THR A 480 12.38 4.81 -8.32
N GLY A 481 13.01 3.98 -7.50
CA GLY A 481 14.42 4.18 -7.22
C GLY A 481 15.29 3.95 -8.43
N GLU A 482 14.92 2.97 -9.26
CA GLU A 482 15.78 2.59 -10.38
C GLU A 482 16.00 3.72 -11.36
N PHE A 483 15.05 4.65 -11.49
CA PHE A 483 15.23 5.74 -12.45
C PHE A 483 16.45 6.60 -12.10
N PHE A 484 16.55 7.03 -10.85
CA PHE A 484 17.48 8.10 -10.50
C PHE A 484 18.91 7.58 -10.42
N GLN A 485 19.86 8.49 -10.71
CA GLN A 485 21.26 8.12 -10.71
C GLN A 485 21.73 7.71 -9.31
N GLN A 486 21.31 8.44 -8.28
CA GLN A 486 21.61 8.03 -6.92
C GLN A 486 20.91 6.73 -6.57
N SER A 487 19.70 6.53 -7.11
CA SER A 487 18.86 5.34 -7.01
C SER A 487 18.16 5.22 -5.66
N GLN A 488 18.45 6.08 -4.69
CA GLN A 488 17.78 6.05 -3.39
C GLN A 488 17.48 7.45 -2.91
N ARG A 489 16.97 8.29 -3.80
CA ARG A 489 16.83 9.72 -3.51
C ARG A 489 15.68 9.97 -2.53
N PRO A 490 15.94 10.56 -1.37
CA PRO A 490 14.83 10.99 -0.50
C PRO A 490 13.90 11.96 -1.18
N ALA A 491 14.42 12.85 -2.03
CA ALA A 491 13.55 13.73 -2.80
C ALA A 491 12.63 12.94 -3.70
N ALA A 492 13.13 11.87 -4.33
CA ALA A 492 12.30 11.01 -5.16
C ALA A 492 11.23 10.32 -4.34
N PHE A 493 11.60 9.81 -3.16
CA PHE A 493 10.62 9.11 -2.32
C PHE A 493 9.64 10.07 -1.65
N ILE A 494 9.94 11.37 -1.69
CA ILE A 494 9.00 12.37 -1.17
C ILE A 494 8.07 12.79 -2.29
N ILE A 495 8.59 12.91 -3.51
CA ILE A 495 7.78 13.33 -4.65
C ILE A 495 6.94 12.20 -5.22
N ALA A 496 7.26 10.94 -4.92
CA ALA A 496 6.40 9.84 -5.36
C ALA A 496 5.30 9.54 -4.35
N GLY A 497 5.67 9.50 -3.06
CA GLY A 497 4.68 9.18 -2.03
C GLY A 497 3.59 10.23 -1.92
N THR A 498 3.93 11.49 -2.13
CA THR A 498 2.93 12.54 -2.10
C THR A 498 1.83 12.29 -3.11
N VAL A 499 2.22 12.03 -4.37
CA VAL A 499 1.24 11.77 -5.42
C VAL A 499 0.52 10.46 -5.17
N ASN A 500 1.23 9.46 -4.64
CA ASN A 500 0.61 8.19 -4.28
C ASN A 500 -0.56 8.43 -3.32
N TRP A 501 -0.30 9.14 -2.23
CA TRP A 501 -1.34 9.33 -1.21
C TRP A 501 -2.44 10.26 -1.70
N LEU A 502 -2.09 11.30 -2.47
CA LEU A 502 -3.14 12.18 -2.97
C LEU A 502 -4.03 11.46 -3.97
N SER A 503 -3.47 10.59 -4.82
CA SER A 503 -4.30 9.82 -5.74
C SER A 503 -5.17 8.83 -4.99
N ASN A 504 -4.63 8.21 -3.95
CA ASN A 504 -5.46 7.33 -3.12
C ASN A 504 -6.61 8.11 -2.49
N PHE A 505 -6.33 9.33 -2.03
CA PHE A 505 -7.36 10.21 -1.51
C PHE A 505 -8.44 10.49 -2.55
N ALA A 506 -8.02 10.84 -3.77
CA ALA A 506 -8.98 11.15 -4.82
C ALA A 506 -9.87 9.95 -5.12
N VAL A 507 -9.27 8.76 -5.26
CA VAL A 507 -10.04 7.56 -5.54
C VAL A 507 -11.02 7.28 -4.40
N GLY A 508 -10.52 7.29 -3.17
CA GLY A 508 -11.38 6.94 -2.04
C GLY A 508 -12.54 7.89 -1.85
N LEU A 509 -12.30 9.19 -2.03
CA LEU A 509 -13.36 10.16 -1.79
C LEU A 509 -14.26 10.37 -3.00
N LEU A 510 -13.85 9.95 -4.20
CA LEU A 510 -14.68 10.18 -5.38
C LEU A 510 -15.33 8.92 -5.94
N PHE A 511 -14.92 7.72 -5.52
CA PHE A 511 -15.51 6.52 -6.10
C PHE A 511 -17.01 6.41 -5.84
N PRO A 512 -17.52 6.63 -4.62
CA PRO A 512 -18.98 6.63 -4.46
C PRO A 512 -19.71 7.58 -5.38
N PHE A 513 -19.18 8.79 -5.59
CA PHE A 513 -19.85 9.72 -6.48
C PHE A 513 -19.70 9.30 -7.95
N ILE A 514 -18.57 8.69 -8.30
CA ILE A 514 -18.43 8.12 -9.63
C ILE A 514 -19.54 7.10 -9.88
N GLN A 515 -19.80 6.24 -8.90
CA GLN A 515 -20.90 5.29 -9.03
C GLN A 515 -22.24 6.02 -9.12
N LYS A 516 -22.44 7.04 -8.27
CA LYS A 516 -23.70 7.78 -8.30
C LYS A 516 -23.96 8.38 -9.67
N SER A 517 -22.89 8.73 -10.40
CA SER A 517 -23.05 9.27 -11.75
C SER A 517 -23.19 8.17 -12.81
N LEU A 518 -22.51 7.04 -12.65
CA LEU A 518 -22.38 6.05 -13.70
C LEU A 518 -22.65 4.64 -13.17
N ASP A 519 -23.77 4.46 -12.47
CA ASP A 519 -24.17 3.18 -11.89
C ASP A 519 -23.75 1.95 -12.70
N THR A 520 -23.93 1.97 -14.02
CA THR A 520 -23.59 0.82 -14.86
C THR A 520 -22.42 1.06 -15.79
N TYR A 521 -21.67 2.16 -15.62
CA TYR A 521 -20.51 2.42 -16.45
C TYR A 521 -19.33 2.96 -15.67
N CYS A 522 -19.34 2.87 -14.34
CA CYS A 522 -18.38 3.59 -13.51
C CYS A 522 -16.95 3.10 -13.68
N PHE A 523 -16.74 1.96 -14.33
CA PHE A 523 -15.38 1.48 -14.56
C PHE A 523 -14.78 2.00 -15.86
N LEU A 524 -15.55 2.71 -16.68
CA LEU A 524 -14.99 3.31 -17.89
C LEU A 524 -13.93 4.35 -17.55
N VAL A 525 -14.13 5.13 -16.49
CA VAL A 525 -13.14 6.14 -16.11
C VAL A 525 -11.83 5.48 -15.74
N PHE A 526 -11.90 4.42 -14.92
CA PHE A 526 -10.69 3.72 -14.55
C PHE A 526 -10.05 3.02 -15.74
N ALA A 527 -10.87 2.51 -16.67
CA ALA A 527 -10.33 1.91 -17.87
C ALA A 527 -9.58 2.93 -18.72
N THR A 528 -10.14 4.13 -18.87
CA THR A 528 -9.47 5.18 -19.62
C THR A 528 -8.15 5.57 -18.96
N ILE A 529 -8.17 5.69 -17.62
CA ILE A 529 -6.93 6.03 -16.91
C ILE A 529 -5.89 4.94 -17.14
N CYS A 530 -6.28 3.67 -17.02
CA CYS A 530 -5.32 2.59 -17.17
C CYS A 530 -4.76 2.52 -18.59
N ILE A 531 -5.62 2.67 -19.59
CA ILE A 531 -5.14 2.60 -20.97
C ILE A 531 -4.24 3.78 -21.29
N THR A 532 -4.58 4.96 -20.78
CA THR A 532 -3.72 6.13 -21.00
C THR A 532 -2.35 5.93 -20.35
N GLY A 533 -2.32 5.39 -19.13
CA GLY A 533 -1.05 5.09 -18.50
C GLY A 533 -0.25 4.07 -19.26
N ALA A 534 -0.92 3.03 -19.76
CA ALA A 534 -0.23 2.02 -20.57
C ALA A 534 0.37 2.65 -21.82
N ILE A 535 -0.39 3.50 -22.51
CA ILE A 535 0.10 4.13 -23.74
C ILE A 535 1.31 5.01 -23.42
N TYR A 536 1.20 5.81 -22.36
CA TYR A 536 2.29 6.73 -22.03
C TYR A 536 3.56 5.97 -21.68
N LEU A 537 3.45 4.97 -20.80
CA LEU A 537 4.65 4.24 -20.41
C LEU A 537 5.12 3.25 -21.46
N TYR A 538 4.32 3.01 -22.50
CA TYR A 538 4.85 2.26 -23.64
C TYR A 538 5.63 3.17 -24.59
N PHE A 539 5.16 4.40 -24.79
CA PHE A 539 5.91 5.32 -25.63
C PHE A 539 7.08 5.98 -24.92
N VAL A 540 7.17 5.91 -23.59
CA VAL A 540 8.21 6.64 -22.88
C VAL A 540 9.16 5.69 -22.16
N LEU A 541 8.64 4.88 -21.25
CA LEU A 541 9.50 4.14 -20.32
C LEU A 541 10.30 3.07 -21.06
N PRO A 542 11.62 3.09 -20.97
CA PRO A 542 12.43 2.02 -21.56
C PRO A 542 12.72 0.91 -20.55
N GLU A 543 13.14 -0.24 -21.09
CA GLU A 543 13.39 -1.40 -20.25
C GLU A 543 14.52 -1.12 -19.26
N THR A 544 14.36 -1.64 -18.04
CA THR A 544 15.28 -1.32 -16.96
C THR A 544 15.92 -2.52 -16.28
N LYS A 545 15.48 -3.74 -16.57
CA LYS A 545 16.13 -4.91 -15.99
C LYS A 545 17.56 -5.01 -16.50
N ASN A 546 18.44 -5.50 -15.63
CA ASN A 546 19.88 -5.69 -15.86
C ASN A 546 20.50 -4.57 -16.67
N ARG A 547 20.10 -3.33 -16.38
CA ARG A 547 20.61 -2.14 -17.06
C ARG A 547 21.26 -1.21 -16.05
N THR A 548 22.44 -0.70 -16.39
CA THR A 548 23.13 0.26 -15.55
C THR A 548 22.39 1.59 -15.56
N TYR A 549 22.61 2.38 -14.50
CA TYR A 549 21.97 3.70 -14.45
C TYR A 549 22.52 4.62 -15.53
N ALA A 550 23.75 4.40 -15.97
CA ALA A 550 24.33 5.26 -17.00
C ALA A 550 23.57 5.14 -18.31
N GLU A 551 23.22 3.92 -18.71
CA GLU A 551 22.54 3.73 -19.99
C GLU A 551 21.12 4.29 -19.97
N ILE A 552 20.38 4.06 -18.88
CA ILE A 552 19.03 4.60 -18.79
C ILE A 552 19.08 6.12 -18.71
N SER A 553 20.10 6.67 -18.03
CA SER A 553 20.27 8.12 -18.03
C SER A 553 20.54 8.65 -19.43
N GLN A 554 21.35 7.92 -20.21
CA GLN A 554 21.61 8.32 -21.59
C GLN A 554 20.33 8.28 -22.41
N ALA A 555 19.53 7.23 -22.24
CA ALA A 555 18.27 7.11 -22.98
C ALA A 555 17.32 8.24 -22.62
N PHE A 556 17.24 8.60 -21.34
CA PHE A 556 16.37 9.69 -20.93
C PHE A 556 16.88 11.04 -21.45
N SER A 557 18.21 11.24 -21.43
CA SER A 557 18.78 12.47 -21.96
C SER A 557 18.56 12.58 -23.47
N LYS A 558 18.44 11.44 -24.15
CA LYS A 558 18.10 11.46 -25.56
C LYS A 558 16.76 12.15 -25.81
N ARG A 559 15.85 12.11 -24.83
CA ARG A 559 14.57 12.79 -24.92
C ARG A 559 14.54 14.11 -24.16
N ASN A 560 15.51 14.36 -23.27
CA ASN A 560 15.50 15.59 -22.47
C ASN A 560 15.76 16.83 -23.31
N LYS A 561 16.24 16.67 -24.55
CA LYS A 561 16.57 17.81 -25.42
C LYS A 561 17.58 18.75 -24.76
N ALA A 562 18.54 18.17 -24.06
CA ALA A 562 19.56 18.96 -23.37
C ALA A 562 20.96 18.48 -23.73
#